data_2NW9
#
_entry.id   2NW9
#
_cell.length_a   114.212
_cell.length_b   114.212
_cell.length_c   96.095
_cell.angle_alpha   90.00
_cell.angle_beta   90.00
_cell.angle_gamma   120.00
#
_symmetry.space_group_name_H-M   'P 31 2 1'
#
loop_
_entity.id
_entity.type
_entity.pdbx_description
1 polymer 'Tryptophan 2,3-dioxygenase'
2 non-polymer 6-FLUORO-L-TRYPTOPHAN
3 non-polymer 'PROTOPORPHYRIN IX CONTAINING FE'
4 non-polymer 'MANGANESE (II) ION'
5 water water
#
_entity_poly.entity_id   1
_entity_poly.type   'polypeptide(L)'
_entity_poly.pdbx_seq_one_letter_code
;MPVDKNLRDLEPGIHTDLEGRLTYGGYLRLDQLLSAQQPLSEPAHHDEMLFIIQHQTSELWLKLLAHELRAAIVHLQRDE
VWQCRKVLARSKQVLRQLTEQWSVLETLTPSEYMGFRDVLGPSSGFQSLQYRYIEFLLGNKNPQMLQVFAYDPAGQARLR
EVLEAPSLYEEFLRYLARFGHAIPQQYQARDWTAAHVADDTLRPVFERIYENTDRYWREYSLCEDLVDVETQFQLWRFRH
MRTVMRVIGFKRGTGGSSGVGFLQQALALTFFPELFDVRTSVGVDNRPPQGSADAGKRLEHHHHHH
;
_entity_poly.pdbx_strand_id   A,B
#
# COMPACT_ATOMS: atom_id res chain seq x y z
N GLY A 20 -23.17 -2.10 -14.22
CA GLY A 20 -23.71 -1.19 -13.16
C GLY A 20 -22.79 -1.08 -11.97
N ARG A 21 -23.34 -1.26 -10.76
CA ARG A 21 -22.54 -1.19 -9.55
C ARG A 21 -22.43 -2.57 -8.90
N LEU A 22 -22.99 -3.59 -9.54
CA LEU A 22 -22.95 -4.94 -9.02
C LEU A 22 -21.86 -5.80 -9.64
N THR A 23 -21.15 -5.27 -10.63
CA THR A 23 -20.06 -6.02 -11.23
C THR A 23 -18.82 -5.67 -10.42
N TYR A 24 -17.78 -6.47 -10.56
CA TYR A 24 -16.54 -6.21 -9.84
C TYR A 24 -16.01 -4.81 -10.19
N GLY A 25 -15.87 -4.54 -11.48
CA GLY A 25 -15.35 -3.24 -11.91
C GLY A 25 -16.29 -2.07 -11.68
N GLY A 26 -17.59 -2.31 -11.80
CA GLY A 26 -18.55 -1.24 -11.59
C GLY A 26 -18.66 -0.85 -10.12
N TYR A 27 -18.67 -1.85 -9.25
CA TYR A 27 -18.76 -1.59 -7.81
C TYR A 27 -17.57 -0.76 -7.35
N LEU A 28 -16.39 -1.14 -7.81
CA LEU A 28 -15.15 -0.46 -7.45
C LEU A 28 -14.83 0.76 -8.32
N ARG A 29 -15.73 1.07 -9.25
CA ARG A 29 -15.54 2.22 -10.14
C ARG A 29 -14.12 2.25 -10.74
N LEU A 30 -13.66 1.09 -11.20
CA LEU A 30 -12.31 0.98 -11.77
C LEU A 30 -12.10 1.81 -13.04
N ASP A 31 -13.16 2.05 -13.79
CA ASP A 31 -13.02 2.85 -15.01
C ASP A 31 -12.48 4.23 -14.62
N GLN A 32 -12.96 4.73 -13.48
CA GLN A 32 -12.55 6.02 -12.97
C GLN A 32 -11.22 5.93 -12.21
N LEU A 33 -11.09 4.89 -11.38
CA LEU A 33 -9.88 4.70 -10.59
C LEU A 33 -8.64 4.43 -11.43
N LEU A 34 -8.78 3.56 -12.42
CA LEU A 34 -7.66 3.17 -13.27
C LEU A 34 -7.38 4.07 -14.47
N SER A 35 -8.05 5.23 -14.52
CA SER A 35 -7.81 6.18 -15.58
C SER A 35 -7.26 7.47 -14.97
N ALA A 36 -6.93 7.40 -13.68
CA ALA A 36 -6.41 8.56 -12.95
C ALA A 36 -4.89 8.64 -12.91
N GLN A 37 -4.22 7.76 -13.66
CA GLN A 37 -2.76 7.75 -13.70
C GLN A 37 -2.34 8.38 -15.03
N GLN A 38 -1.92 9.64 -14.97
CA GLN A 38 -1.54 10.37 -16.17
C GLN A 38 -0.17 11.04 -16.04
N PRO A 39 0.90 10.28 -16.35
CA PRO A 39 2.25 10.83 -16.27
C PRO A 39 2.36 12.06 -17.17
N LEU A 40 3.27 12.97 -16.83
CA LEU A 40 3.47 14.18 -17.61
C LEU A 40 4.78 14.23 -18.38
N SER A 41 5.76 13.39 -17.99
CA SER A 41 7.04 13.39 -18.67
C SER A 41 6.88 13.05 -20.15
N GLU A 42 7.69 13.68 -20.99
CA GLU A 42 7.63 13.43 -22.43
C GLU A 42 9.04 13.47 -23.01
N PRO A 43 9.53 12.32 -23.51
CA PRO A 43 8.83 11.03 -23.55
C PRO A 43 8.51 10.49 -22.17
N ALA A 44 7.59 9.53 -22.11
CA ALA A 44 7.19 8.92 -20.85
C ALA A 44 8.38 8.30 -20.12
N HIS A 45 8.54 8.65 -18.85
CA HIS A 45 9.62 8.12 -18.04
C HIS A 45 9.09 6.90 -17.29
N HIS A 46 9.81 5.78 -17.38
CA HIS A 46 9.38 4.55 -16.73
C HIS A 46 9.02 4.67 -15.25
N ASP A 47 9.82 5.42 -14.50
CA ASP A 47 9.60 5.56 -13.06
C ASP A 47 8.54 6.54 -12.61
N GLU A 48 7.88 7.20 -13.55
CA GLU A 48 6.85 8.15 -13.17
C GLU A 48 5.59 7.43 -12.69
N MET A 49 5.33 6.23 -13.23
CA MET A 49 4.14 5.48 -12.81
C MET A 49 4.26 5.13 -11.32
N LEU A 50 5.45 4.73 -10.89
CA LEU A 50 5.68 4.40 -9.49
C LEU A 50 5.38 5.64 -8.63
N PHE A 51 5.93 6.78 -9.05
CA PHE A 51 5.74 8.03 -8.33
C PHE A 51 4.26 8.31 -8.11
N ILE A 52 3.47 8.22 -9.17
CA ILE A 52 2.04 8.48 -9.09
C ILE A 52 1.31 7.45 -8.21
N ILE A 53 1.52 6.16 -8.48
CA ILE A 53 0.86 5.10 -7.72
C ILE A 53 1.24 5.14 -6.24
N GLN A 54 2.49 5.47 -5.95
CA GLN A 54 2.96 5.55 -4.57
C GLN A 54 2.08 6.51 -3.79
N HIS A 55 1.79 7.67 -4.41
CA HIS A 55 0.97 8.70 -3.77
C HIS A 55 -0.52 8.36 -3.77
N GLN A 56 -1.00 7.76 -4.84
CA GLN A 56 -2.42 7.44 -4.91
C GLN A 56 -2.79 6.34 -3.93
N THR A 57 -1.94 5.34 -3.77
CA THR A 57 -2.25 4.30 -2.80
C THR A 57 -2.26 4.98 -1.42
N SER A 58 -1.26 5.82 -1.14
CA SER A 58 -1.22 6.50 0.15
C SER A 58 -2.47 7.34 0.40
N GLU A 59 -2.94 8.06 -0.62
CA GLU A 59 -4.13 8.88 -0.47
C GLU A 59 -5.36 8.02 -0.17
N LEU A 60 -5.43 6.84 -0.77
CA LEU A 60 -6.55 5.95 -0.50
C LEU A 60 -6.50 5.51 0.97
N TRP A 61 -5.30 5.16 1.46
CA TRP A 61 -5.17 4.75 2.86
C TRP A 61 -5.49 5.93 3.77
N LEU A 62 -5.06 7.13 3.39
CA LEU A 62 -5.35 8.31 4.20
C LEU A 62 -6.86 8.53 4.27
N LYS A 63 -7.56 8.24 3.17
CA LYS A 63 -9.01 8.41 3.17
C LYS A 63 -9.65 7.45 4.16
N LEU A 64 -9.17 6.21 4.16
CA LEU A 64 -9.71 5.21 5.09
C LEU A 64 -9.35 5.61 6.51
N LEU A 65 -8.10 6.04 6.72
CA LEU A 65 -7.65 6.45 8.03
C LEU A 65 -8.55 7.55 8.59
N ALA A 66 -8.89 8.54 7.77
CA ALA A 66 -9.77 9.62 8.23
C ALA A 66 -11.15 9.07 8.58
N HIS A 67 -11.62 8.14 7.76
CA HIS A 67 -12.92 7.50 7.95
C HIS A 67 -12.95 6.80 9.32
N GLU A 68 -11.89 6.08 9.64
CA GLU A 68 -11.83 5.36 10.90
C GLU A 68 -11.62 6.30 12.08
N LEU A 69 -10.76 7.32 11.93
CA LEU A 69 -10.51 8.25 13.02
C LEU A 69 -11.74 9.07 13.40
N ARG A 70 -12.55 9.45 12.41
CA ARG A 70 -13.77 10.19 12.69
C ARG A 70 -14.69 9.33 13.55
N ALA A 71 -14.72 8.03 13.24
CA ALA A 71 -15.55 7.10 14.00
C ALA A 71 -15.01 6.95 15.42
N ALA A 72 -13.69 6.98 15.58
CA ALA A 72 -13.10 6.86 16.91
C ALA A 72 -13.55 8.05 17.75
N ILE A 73 -13.58 9.23 17.15
CA ILE A 73 -14.01 10.42 17.88
C ILE A 73 -15.47 10.25 18.33
N VAL A 74 -16.33 9.81 17.42
CA VAL A 74 -17.73 9.60 17.78
C VAL A 74 -17.85 8.59 18.92
N HIS A 75 -17.11 7.49 18.84
CA HIS A 75 -17.20 6.51 19.92
C HIS A 75 -16.76 7.12 21.25
N LEU A 76 -15.69 7.91 21.23
CA LEU A 76 -15.21 8.55 22.44
C LEU A 76 -16.27 9.47 23.04
N GLN A 77 -16.92 10.25 22.18
CA GLN A 77 -17.96 11.17 22.63
C GLN A 77 -19.11 10.42 23.30
N ARG A 78 -19.34 9.20 22.87
CA ARG A 78 -20.42 8.38 23.40
C ARG A 78 -19.95 7.38 24.46
N ASP A 79 -18.72 7.54 24.92
CA ASP A 79 -18.13 6.67 25.93
C ASP A 79 -18.09 5.21 25.51
N GLU A 80 -18.07 4.97 24.20
CA GLU A 80 -18.01 3.60 23.68
C GLU A 80 -16.56 3.18 23.56
N VAL A 81 -16.01 2.70 24.67
CA VAL A 81 -14.60 2.30 24.74
C VAL A 81 -14.13 1.20 23.79
N TRP A 82 -14.69 0.00 23.92
CA TRP A 82 -14.23 -1.09 23.05
C TRP A 82 -14.40 -0.74 21.57
N GLN A 83 -15.49 -0.04 21.23
CA GLN A 83 -15.72 0.36 19.85
C GLN A 83 -14.61 1.32 19.40
N CYS A 84 -14.26 2.26 20.27
CA CYS A 84 -13.21 3.20 19.96
C CYS A 84 -11.91 2.44 19.75
N ARG A 85 -11.61 1.51 20.63
CA ARG A 85 -10.39 0.73 20.51
C ARG A 85 -10.35 -0.08 19.22
N LYS A 86 -11.51 -0.61 18.81
CA LYS A 86 -11.61 -1.41 17.59
C LYS A 86 -11.23 -0.60 16.36
N VAL A 87 -11.79 0.60 16.25
CA VAL A 87 -11.48 1.45 15.11
C VAL A 87 -10.04 1.95 15.19
N LEU A 88 -9.54 2.18 16.40
CA LEU A 88 -8.15 2.62 16.51
C LEU A 88 -7.21 1.50 16.08
N ALA A 89 -7.60 0.26 16.36
CA ALA A 89 -6.76 -0.88 15.98
C ALA A 89 -6.64 -0.92 14.46
N ARG A 90 -7.75 -0.67 13.75
CA ARG A 90 -7.69 -0.68 12.30
C ARG A 90 -6.87 0.53 11.85
N SER A 91 -7.01 1.64 12.55
CA SER A 91 -6.26 2.84 12.21
C SER A 91 -4.76 2.57 12.30
N LYS A 92 -4.34 1.79 13.29
CA LYS A 92 -2.93 1.45 13.45
C LYS A 92 -2.46 0.61 12.25
N GLN A 93 -3.29 -0.32 11.81
CA GLN A 93 -2.91 -1.16 10.67
C GLN A 93 -2.79 -0.33 9.40
N VAL A 94 -3.65 0.67 9.25
CA VAL A 94 -3.59 1.52 8.06
C VAL A 94 -2.33 2.37 8.09
N LEU A 95 -1.99 2.91 9.27
CA LEU A 95 -0.78 3.72 9.39
C LEU A 95 0.43 2.83 9.14
N ARG A 96 0.33 1.57 9.52
CA ARG A 96 1.45 0.65 9.31
C ARG A 96 1.65 0.42 7.81
N GLN A 97 0.55 0.31 7.05
CA GLN A 97 0.70 0.10 5.61
C GLN A 97 1.33 1.35 4.98
N LEU A 98 0.85 2.51 5.41
CA LEU A 98 1.37 3.79 4.91
C LEU A 98 2.87 3.91 5.18
N THR A 99 3.30 3.37 6.32
CA THR A 99 4.71 3.43 6.72
C THR A 99 5.53 2.39 5.98
N GLU A 100 4.98 1.18 5.88
CA GLU A 100 5.66 0.07 5.22
C GLU A 100 5.90 0.34 3.72
N GLN A 101 4.94 0.97 3.06
CA GLN A 101 5.09 1.19 1.63
C GLN A 101 6.25 2.08 1.19
N TRP A 102 6.88 2.78 2.11
CA TRP A 102 8.02 3.60 1.72
C TRP A 102 9.09 2.70 1.08
N SER A 103 9.11 1.42 1.48
CA SER A 103 10.09 0.49 0.94
C SER A 103 10.02 0.37 -0.59
N VAL A 104 8.84 0.61 -1.16
CA VAL A 104 8.72 0.52 -2.61
C VAL A 104 9.41 1.71 -3.25
N LEU A 105 9.12 2.90 -2.72
CA LEU A 105 9.66 4.15 -3.25
C LEU A 105 11.18 4.25 -3.09
N GLU A 106 11.75 3.45 -2.20
CA GLU A 106 13.18 3.49 -1.99
C GLU A 106 13.95 2.83 -3.13
N THR A 107 13.21 2.27 -4.08
CA THR A 107 13.84 1.64 -5.25
C THR A 107 13.96 2.72 -6.33
N LEU A 108 13.55 3.95 -6.00
CA LEU A 108 13.63 5.07 -6.92
C LEU A 108 14.93 5.83 -6.63
N THR A 109 15.88 5.76 -7.55
CA THR A 109 17.16 6.43 -7.34
C THR A 109 17.17 7.87 -7.85
N PRO A 110 18.14 8.68 -7.39
CA PRO A 110 18.27 10.08 -7.81
C PRO A 110 18.35 10.22 -9.32
N SER A 111 19.08 9.28 -9.93
CA SER A 111 19.27 9.24 -11.38
C SER A 111 17.92 9.16 -12.10
N GLU A 112 17.05 8.30 -11.59
CA GLU A 112 15.73 8.12 -12.18
C GLU A 112 14.80 9.30 -11.91
N TYR A 113 14.77 9.75 -10.66
CA TYR A 113 13.91 10.87 -10.30
C TYR A 113 14.18 12.14 -11.08
N MET A 114 15.45 12.52 -11.20
CA MET A 114 15.78 13.74 -11.94
C MET A 114 15.30 13.70 -13.38
N GLY A 115 14.84 12.54 -13.82
CA GLY A 115 14.36 12.40 -15.18
C GLY A 115 12.95 12.94 -15.38
N PHE A 116 12.24 13.23 -14.29
CA PHE A 116 10.89 13.76 -14.43
C PHE A 116 10.46 14.69 -13.30
N ARG A 117 11.36 14.98 -12.36
CA ARG A 117 11.01 15.86 -11.25
C ARG A 117 10.54 17.23 -11.73
N ASP A 118 11.12 17.71 -12.83
CA ASP A 118 10.78 19.01 -13.37
C ASP A 118 9.31 19.18 -13.77
N VAL A 119 8.65 18.07 -14.13
CA VAL A 119 7.24 18.14 -14.55
C VAL A 119 6.28 18.44 -13.41
N LEU A 120 6.75 18.28 -12.18
CA LEU A 120 5.94 18.50 -10.99
C LEU A 120 5.70 19.98 -10.70
N GLY A 121 6.60 20.84 -11.18
CA GLY A 121 6.45 22.26 -10.93
C GLY A 121 6.53 22.60 -9.44
N PRO A 122 5.65 23.47 -8.95
CA PRO A 122 5.63 23.88 -7.54
C PRO A 122 4.82 22.98 -6.62
N SER A 123 4.18 21.96 -7.18
CA SER A 123 3.35 21.05 -6.38
C SER A 123 4.16 20.33 -5.30
N SER A 124 3.49 19.94 -4.22
CA SER A 124 4.15 19.24 -3.13
C SER A 124 3.14 18.65 -2.15
N GLY A 125 3.64 17.85 -1.23
CA GLY A 125 2.80 17.24 -0.22
C GLY A 125 2.03 18.22 0.64
N PHE A 126 2.44 19.48 0.63
CA PHE A 126 1.73 20.51 1.41
C PHE A 126 0.30 20.64 0.91
N GLN A 127 0.10 20.30 -0.36
CA GLN A 127 -1.20 20.40 -0.98
C GLN A 127 -2.06 19.15 -0.82
N SER A 128 -1.67 18.26 0.08
CA SER A 128 -2.47 17.07 0.31
C SER A 128 -3.52 17.42 1.33
N LEU A 129 -4.76 17.60 0.86
CA LEU A 129 -5.87 17.95 1.73
C LEU A 129 -6.14 16.87 2.77
N GLN A 130 -6.11 15.60 2.35
CA GLN A 130 -6.38 14.51 3.28
C GLN A 130 -5.33 14.40 4.38
N TYR A 131 -4.07 14.60 4.04
CA TYR A 131 -3.02 14.52 5.05
C TYR A 131 -3.22 15.64 6.07
N ARG A 132 -3.50 16.84 5.59
CA ARG A 132 -3.70 17.99 6.47
C ARG A 132 -4.90 17.75 7.37
N TYR A 133 -5.93 17.14 6.81
CA TYR A 133 -7.15 16.83 7.56
C TYR A 133 -6.81 15.94 8.75
N ILE A 134 -6.01 14.91 8.50
CA ILE A 134 -5.62 13.97 9.54
C ILE A 134 -4.75 14.67 10.59
N GLU A 135 -3.82 15.49 10.14
CA GLU A 135 -2.98 16.23 11.07
C GLU A 135 -3.87 17.05 12.00
N PHE A 136 -4.84 17.74 11.41
CA PHE A 136 -5.76 18.56 12.20
C PHE A 136 -6.56 17.71 13.18
N LEU A 137 -7.09 16.60 12.69
CA LEU A 137 -7.89 15.70 13.52
C LEU A 137 -7.10 15.17 14.71
N LEU A 138 -5.82 14.88 14.51
CA LEU A 138 -4.99 14.38 15.59
C LEU A 138 -4.61 15.51 16.56
N GLY A 139 -4.78 16.75 16.13
CA GLY A 139 -4.49 17.87 17.00
C GLY A 139 -3.46 18.90 16.56
N ASN A 140 -2.66 18.55 15.57
CA ASN A 140 -1.63 19.48 15.08
C ASN A 140 -2.27 20.49 14.13
N LYS A 141 -3.01 21.43 14.70
CA LYS A 141 -3.70 22.45 13.91
C LYS A 141 -2.88 23.67 13.61
N ASN A 142 -3.04 24.18 12.39
CA ASN A 142 -2.34 25.37 11.94
C ASN A 142 -3.18 26.09 10.89
N PRO A 143 -4.00 27.06 11.32
CA PRO A 143 -4.87 27.85 10.46
C PRO A 143 -4.19 28.40 9.21
N GLN A 144 -2.86 28.49 9.25
CA GLN A 144 -2.09 29.01 8.12
C GLN A 144 -2.08 28.05 6.94
N MET A 145 -2.38 26.77 7.20
CA MET A 145 -2.40 25.78 6.13
C MET A 145 -3.64 25.93 5.26
N LEU A 146 -4.70 26.50 5.83
CA LEU A 146 -5.94 26.70 5.08
C LEU A 146 -5.68 27.52 3.83
N GLN A 147 -4.65 28.36 3.89
CA GLN A 147 -4.28 29.23 2.77
C GLN A 147 -3.87 28.46 1.52
N VAL A 148 -3.04 27.45 1.68
CA VAL A 148 -2.57 26.65 0.54
C VAL A 148 -3.74 26.03 -0.22
N PHE A 149 -4.91 26.00 0.39
CA PHE A 149 -6.09 25.43 -0.24
C PHE A 149 -7.11 26.48 -0.64
N ALA A 150 -6.63 27.69 -0.91
CA ALA A 150 -7.49 28.79 -1.31
C ALA A 150 -8.15 28.50 -2.65
N TYR A 151 -7.40 27.86 -3.55
CA TYR A 151 -7.91 27.52 -4.87
C TYR A 151 -9.08 26.55 -4.77
N ASP A 152 -9.23 25.93 -3.61
CA ASP A 152 -10.30 24.97 -3.37
C ASP A 152 -11.07 25.32 -2.11
N PRO A 153 -12.05 26.23 -2.23
CA PRO A 153 -12.88 26.67 -1.11
C PRO A 153 -13.66 25.54 -0.44
N ALA A 154 -14.16 24.62 -1.25
CA ALA A 154 -14.93 23.49 -0.74
C ALA A 154 -14.06 22.67 0.21
N GLY A 155 -12.92 22.21 -0.29
CA GLY A 155 -12.02 21.42 0.54
C GLY A 155 -11.50 22.24 1.71
N GLN A 156 -11.32 23.54 1.48
CA GLN A 156 -10.84 24.43 2.52
C GLN A 156 -11.86 24.49 3.65
N ALA A 157 -13.14 24.41 3.29
CA ALA A 157 -14.22 24.46 4.27
C ALA A 157 -14.23 23.19 5.12
N ARG A 158 -13.89 22.05 4.51
CA ARG A 158 -13.85 20.79 5.23
C ARG A 158 -12.72 20.80 6.25
N LEU A 159 -11.62 21.46 5.91
CA LEU A 159 -10.48 21.55 6.83
C LEU A 159 -10.81 22.45 8.01
N ARG A 160 -11.57 23.50 7.73
CA ARG A 160 -11.95 24.43 8.79
C ARG A 160 -12.88 23.76 9.80
N GLU A 161 -13.71 22.84 9.31
CA GLU A 161 -14.64 22.14 10.19
C GLU A 161 -13.89 21.35 11.26
N VAL A 162 -12.94 20.52 10.84
CA VAL A 162 -12.17 19.72 11.79
C VAL A 162 -11.28 20.66 12.61
N LEU A 163 -10.89 21.77 12.01
CA LEU A 163 -10.04 22.74 12.68
C LEU A 163 -10.75 23.36 13.88
N GLU A 164 -12.05 23.61 13.73
CA GLU A 164 -12.85 24.23 14.79
C GLU A 164 -13.47 23.24 15.78
N ALA A 165 -13.20 21.95 15.59
CA ALA A 165 -13.75 20.95 16.48
C ALA A 165 -12.66 20.36 17.36
N PRO A 166 -13.03 19.80 18.52
CA PRO A 166 -12.03 19.20 19.42
C PRO A 166 -11.30 18.08 18.69
N SER A 167 -9.99 17.96 18.92
CA SER A 167 -9.20 16.91 18.28
C SER A 167 -9.50 15.57 18.91
N LEU A 168 -8.91 14.51 18.37
CA LEU A 168 -9.11 13.17 18.90
C LEU A 168 -8.62 13.15 20.35
N TYR A 169 -7.47 13.79 20.58
CA TYR A 169 -6.87 13.84 21.92
C TYR A 169 -7.74 14.61 22.90
N GLU A 170 -8.24 15.76 22.48
CA GLU A 170 -9.09 16.56 23.34
C GLU A 170 -10.37 15.82 23.68
N GLU A 171 -10.91 15.05 22.75
CA GLU A 171 -12.11 14.27 23.01
C GLU A 171 -11.80 13.19 24.06
N PHE A 172 -10.56 12.70 24.05
CA PHE A 172 -10.16 11.69 25.02
C PHE A 172 -10.14 12.36 26.40
N LEU A 173 -9.63 13.58 26.46
CA LEU A 173 -9.59 14.32 27.72
C LEU A 173 -11.02 14.56 28.23
N ARG A 174 -11.93 14.87 27.30
CA ARG A 174 -13.33 15.12 27.66
C ARG A 174 -13.99 13.84 28.15
N TYR A 175 -13.52 12.71 27.63
CA TYR A 175 -14.03 11.41 28.03
C TYR A 175 -13.61 11.19 29.50
N LEU A 176 -12.35 11.45 29.79
CA LEU A 176 -11.84 11.30 31.14
C LEU A 176 -12.58 12.24 32.09
N ALA A 177 -12.89 13.44 31.61
CA ALA A 177 -13.61 14.43 32.42
C ALA A 177 -14.98 13.92 32.81
N ARG A 178 -15.67 13.24 31.88
CA ARG A 178 -16.99 12.72 32.18
C ARG A 178 -16.96 11.65 33.27
N PHE A 179 -15.82 10.98 33.44
CA PHE A 179 -15.73 9.95 34.46
C PHE A 179 -15.06 10.37 35.76
N GLY A 180 -15.01 11.67 36.04
CA GLY A 180 -14.44 12.13 37.28
C GLY A 180 -12.96 12.42 37.38
N HIS A 181 -12.23 12.26 36.29
CA HIS A 181 -10.80 12.53 36.32
C HIS A 181 -10.64 14.04 36.45
N ALA A 182 -9.55 14.45 37.12
CA ALA A 182 -9.27 15.87 37.35
C ALA A 182 -8.85 16.61 36.09
N ILE A 183 -9.78 16.76 35.16
CA ILE A 183 -9.51 17.44 33.90
C ILE A 183 -9.84 18.93 33.99
N PRO A 184 -8.90 19.81 33.61
CA PRO A 184 -9.12 21.26 33.67
C PRO A 184 -10.41 21.67 32.97
N GLN A 185 -11.07 22.68 33.53
CA GLN A 185 -12.33 23.19 33.01
C GLN A 185 -12.23 23.68 31.56
N GLN A 186 -11.08 24.21 31.17
CA GLN A 186 -10.90 24.73 29.82
C GLN A 186 -11.18 23.71 28.73
N TYR A 187 -11.03 22.42 29.05
CA TYR A 187 -11.25 21.37 28.07
C TYR A 187 -12.74 21.12 27.80
N GLN A 188 -13.60 21.85 28.50
CA GLN A 188 -15.04 21.70 28.28
C GLN A 188 -15.47 22.63 27.15
N ALA A 189 -14.73 23.72 27.00
CA ALA A 189 -15.02 24.70 25.96
C ALA A 189 -13.85 25.66 25.81
N ARG A 190 -13.35 25.79 24.59
CA ARG A 190 -12.23 26.69 24.31
C ARG A 190 -12.03 26.84 22.81
N ASP A 191 -11.01 27.62 22.42
CA ASP A 191 -10.71 27.85 21.02
C ASP A 191 -10.01 26.63 20.45
N TRP A 192 -10.79 25.68 19.96
CA TRP A 192 -10.25 24.44 19.41
C TRP A 192 -9.35 24.65 18.20
N THR A 193 -9.49 25.79 17.52
CA THR A 193 -8.67 26.08 16.35
C THR A 193 -7.19 26.23 16.73
N ALA A 194 -6.94 26.45 18.01
CA ALA A 194 -5.58 26.60 18.51
C ALA A 194 -5.00 25.25 18.88
N ALA A 195 -3.80 24.96 18.39
CA ALA A 195 -3.13 23.70 18.67
C ALA A 195 -2.92 23.51 20.16
N HIS A 196 -3.22 22.31 20.65
CA HIS A 196 -3.05 21.98 22.07
C HIS A 196 -1.63 22.25 22.53
N VAL A 197 -1.50 22.78 23.74
CA VAL A 197 -0.19 23.06 24.31
C VAL A 197 -0.01 22.18 25.54
N ALA A 198 1.20 21.64 25.71
CA ALA A 198 1.51 20.78 26.83
C ALA A 198 0.94 21.36 28.12
N ASP A 199 0.15 20.54 28.82
CA ASP A 199 -0.50 20.95 30.07
C ASP A 199 0.04 20.14 31.25
N ASP A 200 0.87 20.76 32.07
CA ASP A 200 1.47 20.10 33.22
C ASP A 200 0.45 19.61 34.24
N THR A 201 -0.70 20.27 34.30
CA THR A 201 -1.73 19.90 35.25
C THR A 201 -2.35 18.55 34.92
N LEU A 202 -2.03 18.02 33.75
CA LEU A 202 -2.56 16.72 33.36
C LEU A 202 -1.65 15.59 33.82
N ARG A 203 -0.44 15.93 34.25
CA ARG A 203 0.52 14.92 34.70
C ARG A 203 -0.04 13.99 35.78
N PRO A 204 -0.64 14.56 36.85
CA PRO A 204 -1.20 13.72 37.92
C PRO A 204 -2.34 12.82 37.44
N VAL A 205 -3.09 13.30 36.44
CA VAL A 205 -4.19 12.51 35.90
C VAL A 205 -3.66 11.21 35.29
N PHE A 206 -2.63 11.31 34.45
CA PHE A 206 -2.08 10.12 33.82
C PHE A 206 -1.24 9.29 34.77
N GLU A 207 -0.64 9.91 35.78
CA GLU A 207 0.15 9.15 36.74
C GLU A 207 -0.77 8.18 37.47
N ARG A 208 -1.93 8.68 37.89
CA ARG A 208 -2.89 7.84 38.61
C ARG A 208 -3.34 6.66 37.77
N ILE A 209 -3.55 6.91 36.48
CA ILE A 209 -3.98 5.85 35.55
C ILE A 209 -2.92 4.76 35.44
N TYR A 210 -1.68 5.16 35.17
CA TYR A 210 -0.57 4.21 35.04
C TYR A 210 -0.14 3.55 36.34
N GLU A 211 -0.50 4.17 37.47
CA GLU A 211 -0.13 3.62 38.77
C GLU A 211 -1.14 2.60 39.29
N ASN A 212 -2.28 2.48 38.62
CA ASN A 212 -3.29 1.51 39.00
C ASN A 212 -4.03 1.11 37.74
N THR A 213 -3.32 0.36 36.89
CA THR A 213 -3.85 -0.10 35.62
C THR A 213 -5.01 -1.07 35.76
N ASP A 214 -5.06 -1.80 36.86
CA ASP A 214 -6.14 -2.76 37.06
C ASP A 214 -7.46 -2.00 37.18
N ARG A 215 -7.44 -0.91 37.95
CA ARG A 215 -8.62 -0.10 38.16
C ARG A 215 -8.95 0.74 36.93
N TYR A 216 -7.94 1.42 36.39
CA TYR A 216 -8.14 2.27 35.22
C TYR A 216 -7.73 1.59 33.93
N TRP A 217 -8.11 0.32 33.77
CA TRP A 217 -7.76 -0.42 32.57
C TRP A 217 -8.36 0.18 31.30
N ARG A 218 -9.52 0.80 31.40
CA ARG A 218 -10.13 1.41 30.23
C ARG A 218 -9.27 2.59 29.77
N GLU A 219 -8.97 3.49 30.70
CA GLU A 219 -8.15 4.66 30.40
C GLU A 219 -6.74 4.26 29.98
N TYR A 220 -6.21 3.25 30.65
CA TYR A 220 -4.88 2.72 30.37
C TYR A 220 -4.80 2.22 28.93
N SER A 221 -5.80 1.45 28.52
CA SER A 221 -5.86 0.91 27.17
C SER A 221 -5.90 2.01 26.12
N LEU A 222 -6.73 3.03 26.35
CA LEU A 222 -6.83 4.13 25.40
C LEU A 222 -5.53 4.92 25.35
N CYS A 223 -4.89 5.12 26.49
CA CYS A 223 -3.62 5.84 26.52
C CYS A 223 -2.59 5.14 25.63
N GLU A 224 -2.49 3.82 25.79
CA GLU A 224 -1.53 3.06 25.00
C GLU A 224 -1.88 3.06 23.51
N ASP A 225 -3.17 3.06 23.19
CA ASP A 225 -3.62 3.11 21.80
C ASP A 225 -3.17 4.42 21.18
N LEU A 226 -3.28 5.52 21.94
CA LEU A 226 -2.88 6.81 21.39
C LEU A 226 -1.37 6.87 21.23
N VAL A 227 -0.64 6.27 22.16
CA VAL A 227 0.82 6.24 22.07
C VAL A 227 1.18 5.45 20.82
N ASP A 228 0.51 4.31 20.61
CA ASP A 228 0.74 3.49 19.42
C ASP A 228 0.51 4.32 18.15
N VAL A 229 -0.62 5.02 18.09
CA VAL A 229 -0.95 5.81 16.91
C VAL A 229 0.09 6.88 16.62
N GLU A 230 0.48 7.63 17.65
CA GLU A 230 1.49 8.68 17.44
C GLU A 230 2.84 8.10 17.07
N THR A 231 3.21 6.99 17.71
CA THR A 231 4.50 6.38 17.39
C THR A 231 4.53 5.95 15.94
N GLN A 232 3.46 5.31 15.48
CA GLN A 232 3.40 4.84 14.10
C GLN A 232 3.41 6.03 13.13
N PHE A 233 2.79 7.13 13.53
CA PHE A 233 2.74 8.32 12.69
C PHE A 233 4.15 8.90 12.59
N GLN A 234 4.88 8.92 13.70
CA GLN A 234 6.24 9.44 13.69
C GLN A 234 7.13 8.55 12.83
N LEU A 235 6.84 7.26 12.82
CA LEU A 235 7.61 6.33 12.00
C LEU A 235 7.36 6.67 10.53
N TRP A 236 6.11 7.02 10.21
CA TRP A 236 5.78 7.40 8.83
C TRP A 236 6.58 8.64 8.47
N ARG A 237 6.61 9.61 9.38
CA ARG A 237 7.37 10.84 9.15
C ARG A 237 8.85 10.58 8.96
N PHE A 238 9.38 9.65 9.73
CA PHE A 238 10.80 9.33 9.65
C PHE A 238 11.16 8.64 8.33
N ARG A 239 10.37 7.65 7.93
CA ARG A 239 10.64 6.95 6.69
C ARG A 239 10.48 7.92 5.53
N HIS A 240 9.50 8.81 5.65
CA HIS A 240 9.25 9.84 4.65
C HIS A 240 10.54 10.65 4.49
N MET A 241 11.03 11.19 5.60
CA MET A 241 12.25 11.99 5.59
C MET A 241 13.45 11.23 5.03
N ARG A 242 13.64 9.99 5.45
CA ARG A 242 14.78 9.20 4.97
C ARG A 242 14.67 8.89 3.48
N THR A 243 13.45 8.71 2.99
CA THR A 243 13.26 8.43 1.58
C THR A 243 13.59 9.70 0.80
N VAL A 244 13.11 10.84 1.29
CA VAL A 244 13.40 12.10 0.63
C VAL A 244 14.91 12.33 0.57
N MET A 245 15.59 12.02 1.67
CA MET A 245 17.03 12.19 1.73
C MET A 245 17.76 11.36 0.67
N ARG A 246 17.31 10.14 0.43
CA ARG A 246 18.00 9.30 -0.55
C ARG A 246 17.59 9.60 -1.99
N VAL A 247 16.53 10.37 -2.17
CA VAL A 247 16.07 10.71 -3.50
C VAL A 247 16.56 12.09 -3.96
N ILE A 248 16.34 13.13 -3.16
CA ILE A 248 16.78 14.47 -3.54
C ILE A 248 17.89 15.02 -2.65
N GLY A 249 18.25 14.27 -1.62
CA GLY A 249 19.30 14.73 -0.73
C GLY A 249 18.90 15.97 0.04
N PHE A 250 19.76 16.98 0.04
CA PHE A 250 19.47 18.21 0.75
C PHE A 250 19.06 19.35 -0.17
N LYS A 251 18.48 19.02 -1.31
CA LYS A 251 18.00 20.02 -2.26
C LYS A 251 16.76 20.67 -1.66
N ARG A 252 16.48 21.92 -2.02
CA ARG A 252 15.28 22.55 -1.50
C ARG A 252 14.08 21.88 -2.15
N GLY A 253 12.96 21.85 -1.46
CA GLY A 253 11.77 21.21 -2.00
C GLY A 253 10.98 22.04 -2.99
N THR A 254 10.20 21.37 -3.83
CA THR A 254 9.38 22.05 -4.82
C THR A 254 8.32 22.91 -4.15
N GLY A 255 8.03 22.60 -2.89
CA GLY A 255 7.03 23.34 -2.13
C GLY A 255 7.58 24.61 -1.51
N GLY A 256 8.89 24.80 -1.62
CA GLY A 256 9.51 26.00 -1.08
C GLY A 256 10.22 25.88 0.25
N SER A 257 10.26 24.67 0.80
CA SER A 257 10.93 24.45 2.09
C SER A 257 12.35 23.98 1.86
N SER A 258 13.09 23.81 2.96
CA SER A 258 14.47 23.36 2.88
C SER A 258 14.55 21.87 2.52
N GLY A 259 13.40 21.20 2.50
CA GLY A 259 13.38 19.79 2.17
C GLY A 259 13.58 18.91 3.40
N VAL A 260 14.65 18.12 3.40
CA VAL A 260 14.95 17.23 4.52
C VAL A 260 14.97 17.99 5.85
N GLY A 261 15.60 19.15 5.86
CA GLY A 261 15.67 19.92 7.10
C GLY A 261 14.29 20.19 7.66
N PHE A 262 13.35 20.55 6.80
CA PHE A 262 11.98 20.83 7.21
C PHE A 262 11.27 19.57 7.69
N LEU A 263 11.53 18.45 7.03
CA LEU A 263 10.90 17.18 7.40
C LEU A 263 11.48 16.66 8.71
N GLN A 264 12.71 17.06 9.01
CA GLN A 264 13.34 16.63 10.26
C GLN A 264 12.72 17.37 11.43
N GLN A 265 12.28 18.61 11.17
CA GLN A 265 11.64 19.41 12.21
C GLN A 265 10.25 18.87 12.53
N ALA A 266 9.61 18.26 11.53
CA ALA A 266 8.27 17.70 11.70
C ALA A 266 8.31 16.56 12.73
N LEU A 267 9.46 15.89 12.81
CA LEU A 267 9.64 14.79 13.74
C LEU A 267 9.67 15.28 15.19
N ALA A 268 9.81 16.60 15.36
CA ALA A 268 9.85 17.20 16.69
C ALA A 268 8.44 17.49 17.20
N LEU A 269 7.47 17.48 16.29
CA LEU A 269 6.09 17.75 16.66
C LEU A 269 5.51 16.58 17.45
N THR A 270 4.60 16.89 18.37
CA THR A 270 3.99 15.85 19.19
C THR A 270 2.48 16.06 19.28
N PHE A 271 1.73 14.97 19.18
CA PHE A 271 0.28 15.03 19.25
C PHE A 271 -0.23 14.94 20.68
N PHE A 272 0.30 13.97 21.42
CA PHE A 272 -0.15 13.74 22.79
C PHE A 272 1.02 13.84 23.76
N PRO A 273 1.61 15.05 23.90
CA PRO A 273 2.75 15.27 24.79
C PRO A 273 2.64 14.77 26.23
N GLU A 274 1.48 14.95 26.85
CA GLU A 274 1.34 14.51 28.23
C GLU A 274 1.46 13.00 28.39
N LEU A 275 1.08 12.25 27.35
CA LEU A 275 1.17 10.79 27.42
C LEU A 275 2.62 10.34 27.43
N PHE A 276 3.51 11.09 26.79
CA PHE A 276 4.91 10.73 26.78
C PHE A 276 5.63 11.31 28.00
N ASP A 277 5.24 12.52 28.40
CA ASP A 277 5.88 13.15 29.56
C ASP A 277 5.61 12.39 30.86
N VAL A 278 4.44 11.79 30.99
CA VAL A 278 4.11 11.07 32.22
C VAL A 278 5.11 9.94 32.49
N ARG A 279 5.72 9.40 31.44
CA ARG A 279 6.71 8.32 31.58
C ARG A 279 7.83 8.69 32.55
N THR A 280 8.22 9.96 32.51
CA THR A 280 9.31 10.45 33.35
C THR A 280 9.03 10.39 34.85
N SER A 281 7.76 10.44 35.23
CA SER A 281 7.40 10.41 36.64
C SER A 281 6.71 9.14 37.11
N VAL A 282 6.39 8.25 36.18
CA VAL A 282 5.73 6.99 36.54
C VAL A 282 6.63 6.16 37.45
N GLY A 283 6.06 5.65 38.54
CA GLY A 283 6.81 4.84 39.47
C GLY A 283 7.94 5.58 40.17
N VAL A 284 7.73 6.85 40.46
CA VAL A 284 8.75 7.66 41.14
C VAL A 284 8.17 8.32 42.38
N ASP B 17 -5.22 23.36 -9.78
CA ASP B 17 -5.78 24.65 -10.29
C ASP B 17 -5.38 25.79 -9.34
N LEU B 18 -4.08 25.91 -9.09
CA LEU B 18 -3.55 26.95 -8.20
C LEU B 18 -2.83 28.03 -9.03
N GLU B 19 -3.61 29.00 -9.50
CA GLU B 19 -3.08 30.11 -10.32
C GLU B 19 -2.43 29.59 -11.60
N GLY B 20 -3.07 28.61 -12.22
CA GLY B 20 -2.55 28.05 -13.45
C GLY B 20 -1.40 27.08 -13.21
N ARG B 21 -0.87 27.07 -11.99
CA ARG B 21 0.24 26.18 -11.64
C ARG B 21 -0.27 24.79 -11.27
N LEU B 22 0.46 23.76 -11.68
CA LEU B 22 0.11 22.38 -11.39
C LEU B 22 0.03 22.19 -9.88
N THR B 23 -0.95 21.42 -9.41
CA THR B 23 -1.09 21.17 -7.98
C THR B 23 -0.97 19.69 -7.69
N TYR B 24 -0.76 19.37 -6.42
CA TYR B 24 -0.65 17.99 -5.96
C TYR B 24 -1.89 17.20 -6.40
N GLY B 25 -3.07 17.72 -6.05
CA GLY B 25 -4.31 17.05 -6.40
C GLY B 25 -4.55 16.97 -7.89
N GLY B 26 -4.13 18.00 -8.62
CA GLY B 26 -4.31 18.01 -10.07
C GLY B 26 -3.42 16.97 -10.75
N TYR B 27 -2.14 16.93 -10.35
CA TYR B 27 -1.19 16.00 -10.92
C TYR B 27 -1.63 14.56 -10.68
N LEU B 28 -2.03 14.27 -9.45
CA LEU B 28 -2.46 12.94 -9.06
C LEU B 28 -3.92 12.66 -9.40
N ARG B 29 -4.58 13.63 -10.01
CA ARG B 29 -5.98 13.49 -10.39
C ARG B 29 -6.83 12.99 -9.22
N LEU B 30 -6.65 13.60 -8.05
CA LEU B 30 -7.38 13.19 -6.86
C LEU B 30 -8.90 13.41 -6.92
N ASP B 31 -9.35 14.42 -7.65
CA ASP B 31 -10.79 14.63 -7.74
C ASP B 31 -11.44 13.39 -8.31
N GLN B 32 -10.77 12.78 -9.29
CA GLN B 32 -11.27 11.57 -9.92
C GLN B 32 -11.03 10.34 -9.04
N LEU B 33 -9.81 10.24 -8.51
CA LEU B 33 -9.45 9.10 -7.66
C LEU B 33 -10.25 9.02 -6.36
N LEU B 34 -10.42 10.16 -5.70
CA LEU B 34 -11.14 10.18 -4.43
C LEU B 34 -12.66 10.28 -4.52
N SER B 35 -13.19 10.13 -5.72
CA SER B 35 -14.65 10.15 -5.89
C SER B 35 -15.08 8.77 -6.39
N ALA B 36 -14.14 7.81 -6.35
CA ALA B 36 -14.39 6.44 -6.79
C ALA B 36 -14.81 5.50 -5.66
N GLN B 37 -15.03 6.05 -4.46
CA GLN B 37 -15.46 5.25 -3.32
C GLN B 37 -16.94 5.53 -3.08
N GLN B 38 -17.78 4.64 -3.60
CA GLN B 38 -19.23 4.81 -3.49
C GLN B 38 -19.95 3.61 -2.88
N PRO B 39 -19.97 3.54 -1.54
CA PRO B 39 -20.63 2.45 -0.82
C PRO B 39 -22.08 2.28 -1.27
N LEU B 40 -22.56 1.04 -1.30
CA LEU B 40 -23.94 0.77 -1.71
C LEU B 40 -24.90 0.64 -0.53
N SER B 41 -24.35 0.33 0.64
CA SER B 41 -25.18 0.16 1.83
C SER B 41 -25.91 1.44 2.18
N GLU B 42 -27.16 1.30 2.64
CA GLU B 42 -27.97 2.45 3.00
C GLU B 42 -29.03 2.03 4.02
N PRO B 43 -28.94 2.53 5.26
CA PRO B 43 -27.93 3.46 5.78
C PRO B 43 -26.53 2.90 5.55
N ALA B 44 -25.59 3.78 5.22
CA ALA B 44 -24.22 3.39 4.97
C ALA B 44 -23.61 2.61 6.13
N HIS B 45 -22.88 1.55 5.81
CA HIS B 45 -22.24 0.75 6.84
C HIS B 45 -20.80 1.23 7.00
N HIS B 46 -20.37 1.44 8.24
CA HIS B 46 -19.03 1.93 8.51
C HIS B 46 -17.91 1.11 7.88
N ASP B 47 -18.08 -0.20 7.84
CA ASP B 47 -17.04 -1.08 7.31
C ASP B 47 -16.98 -1.32 5.80
N GLU B 48 -17.93 -0.74 5.07
CA GLU B 48 -17.91 -0.91 3.62
C GLU B 48 -16.76 -0.12 2.99
N MET B 49 -16.39 1.01 3.59
CA MET B 49 -15.29 1.82 3.05
C MET B 49 -14.01 0.99 3.01
N LEU B 50 -13.75 0.23 4.07
CA LEU B 50 -12.56 -0.63 4.13
C LEU B 50 -12.60 -1.62 2.97
N PHE B 51 -13.73 -2.29 2.80
CA PHE B 51 -13.91 -3.27 1.75
C PHE B 51 -13.51 -2.70 0.38
N ILE B 52 -13.97 -1.49 0.09
CA ILE B 52 -13.68 -0.83 -1.19
C ILE B 52 -12.21 -0.41 -1.32
N ILE B 53 -11.71 0.29 -0.31
CA ILE B 53 -10.32 0.76 -0.31
C ILE B 53 -9.32 -0.38 -0.37
N GLN B 54 -9.63 -1.47 0.32
CA GLN B 54 -8.74 -2.64 0.32
C GLN B 54 -8.55 -3.12 -1.12
N HIS B 55 -9.65 -3.17 -1.86
CA HIS B 55 -9.62 -3.60 -3.26
C HIS B 55 -8.96 -2.57 -4.17
N GLN B 56 -9.29 -1.30 -4.00
CA GLN B 56 -8.72 -0.27 -4.85
C GLN B 56 -7.23 -0.09 -4.67
N THR B 57 -6.75 -0.09 -3.43
CA THR B 57 -5.32 0.05 -3.23
C THR B 57 -4.63 -1.14 -3.91
N SER B 58 -5.21 -2.35 -3.80
CA SER B 58 -4.62 -3.53 -4.44
C SER B 58 -4.62 -3.38 -5.97
N GLU B 59 -5.71 -2.86 -6.54
CA GLU B 59 -5.78 -2.69 -7.99
C GLU B 59 -4.69 -1.71 -8.47
N LEU B 60 -4.42 -0.66 -7.67
CA LEU B 60 -3.38 0.30 -8.06
C LEU B 60 -2.01 -0.38 -8.02
N TRP B 61 -1.74 -1.14 -6.97
CA TRP B 61 -0.47 -1.86 -6.87
C TRP B 61 -0.33 -2.85 -8.02
N LEU B 62 -1.43 -3.52 -8.37
CA LEU B 62 -1.39 -4.49 -9.45
C LEU B 62 -1.09 -3.80 -10.78
N LYS B 63 -1.61 -2.58 -10.95
CA LYS B 63 -1.34 -1.83 -12.17
C LYS B 63 0.15 -1.53 -12.27
N LEU B 64 0.74 -1.12 -11.14
CA LEU B 64 2.19 -0.83 -11.11
C LEU B 64 2.98 -2.10 -11.33
N LEU B 65 2.54 -3.19 -10.72
CA LEU B 65 3.26 -4.46 -10.87
C LEU B 65 3.32 -4.87 -12.34
N ALA B 66 2.22 -4.70 -13.07
CA ALA B 66 2.19 -5.06 -14.48
C ALA B 66 3.19 -4.19 -15.26
N HIS B 67 3.19 -2.90 -14.92
CA HIS B 67 4.07 -1.90 -15.52
C HIS B 67 5.53 -2.32 -15.36
N GLU B 68 5.89 -2.76 -14.15
CA GLU B 68 7.24 -3.19 -13.87
C GLU B 68 7.59 -4.55 -14.49
N LEU B 69 6.67 -5.50 -14.41
CA LEU B 69 6.91 -6.82 -14.98
C LEU B 69 7.10 -6.74 -16.49
N ARG B 70 6.36 -5.86 -17.16
CA ARG B 70 6.54 -5.72 -18.61
C ARG B 70 7.95 -5.19 -18.88
N ALA B 71 8.43 -4.28 -18.04
CA ALA B 71 9.77 -3.74 -18.20
C ALA B 71 10.83 -4.81 -17.98
N ALA B 72 10.57 -5.72 -17.04
CA ALA B 72 11.50 -6.79 -16.75
C ALA B 72 11.64 -7.68 -17.98
N ILE B 73 10.52 -7.91 -18.66
CA ILE B 73 10.52 -8.74 -19.87
C ILE B 73 11.37 -8.03 -20.93
N VAL B 74 11.16 -6.74 -21.10
CA VAL B 74 11.94 -5.98 -22.09
C VAL B 74 13.43 -6.07 -21.78
N HIS B 75 13.81 -5.96 -20.51
CA HIS B 75 15.22 -6.05 -20.16
C HIS B 75 15.81 -7.41 -20.52
N LEU B 76 15.05 -8.47 -20.28
CA LEU B 76 15.52 -9.81 -20.63
C LEU B 76 15.69 -9.91 -22.14
N GLN B 77 14.76 -9.31 -22.89
CA GLN B 77 14.83 -9.33 -24.34
C GLN B 77 16.04 -8.55 -24.86
N ARG B 78 16.61 -7.70 -24.01
CA ARG B 78 17.78 -6.90 -24.35
C ARG B 78 19.04 -7.39 -23.64
N ASP B 79 18.96 -8.56 -22.99
CA ASP B 79 20.09 -9.13 -22.25
C ASP B 79 20.58 -8.16 -21.17
N GLU B 80 19.69 -7.33 -20.65
CA GLU B 80 20.05 -6.34 -19.62
C GLU B 80 19.77 -6.91 -18.22
N VAL B 81 20.74 -7.66 -17.70
CA VAL B 81 20.62 -8.32 -16.41
C VAL B 81 20.48 -7.45 -15.17
N TRP B 82 21.36 -6.48 -14.96
CA TRP B 82 21.24 -5.67 -13.76
C TRP B 82 19.93 -4.86 -13.79
N GLN B 83 19.53 -4.40 -14.98
CA GLN B 83 18.28 -3.65 -15.10
C GLN B 83 17.09 -4.55 -14.78
N CYS B 84 17.12 -5.78 -15.28
CA CYS B 84 16.04 -6.72 -15.02
C CYS B 84 15.95 -6.97 -13.52
N ARG B 85 17.09 -7.21 -12.88
CA ARG B 85 17.10 -7.45 -11.44
C ARG B 85 16.53 -6.28 -10.66
N LYS B 86 16.85 -5.06 -11.08
CA LYS B 86 16.37 -3.87 -10.39
C LYS B 86 14.86 -3.75 -10.48
N VAL B 87 14.32 -4.03 -11.67
CA VAL B 87 12.88 -3.97 -11.87
C VAL B 87 12.21 -5.09 -11.08
N LEU B 88 12.85 -6.27 -11.03
CA LEU B 88 12.27 -7.37 -10.26
C LEU B 88 12.32 -7.05 -8.76
N ALA B 89 13.34 -6.31 -8.33
CA ALA B 89 13.46 -5.94 -6.93
C ALA B 89 12.28 -5.05 -6.55
N ARG B 90 11.94 -4.11 -7.42
CA ARG B 90 10.81 -3.23 -7.17
C ARG B 90 9.54 -4.08 -7.18
N SER B 91 9.46 -5.02 -8.11
CA SER B 91 8.30 -5.91 -8.24
C SER B 91 8.08 -6.70 -6.95
N LYS B 92 9.16 -7.19 -6.35
CA LYS B 92 9.05 -7.93 -5.11
C LYS B 92 8.48 -7.02 -4.01
N GLN B 93 8.92 -5.77 -3.99
CA GLN B 93 8.45 -4.82 -2.98
C GLN B 93 6.97 -4.50 -3.14
N VAL B 94 6.52 -4.42 -4.40
CA VAL B 94 5.11 -4.15 -4.67
C VAL B 94 4.29 -5.37 -4.21
N LEU B 95 4.77 -6.56 -4.55
CA LEU B 95 4.08 -7.79 -4.13
C LEU B 95 4.07 -7.86 -2.60
N ARG B 96 5.14 -7.40 -1.97
CA ARG B 96 5.19 -7.44 -0.52
C ARG B 96 4.12 -6.52 0.08
N GLN B 97 3.88 -5.37 -0.55
CA GLN B 97 2.85 -4.46 -0.03
C GLN B 97 1.48 -5.10 -0.21
N LEU B 98 1.26 -5.70 -1.38
CA LEU B 98 -0.01 -6.36 -1.64
C LEU B 98 -0.26 -7.46 -0.63
N THR B 99 0.82 -8.10 -0.18
CA THR B 99 0.73 -9.18 0.80
C THR B 99 0.54 -8.65 2.22
N GLU B 100 1.34 -7.66 2.58
CA GLU B 100 1.23 -7.08 3.91
C GLU B 100 -0.11 -6.42 4.19
N GLN B 101 -0.71 -5.81 3.18
CA GLN B 101 -1.97 -5.12 3.43
C GLN B 101 -3.15 -5.98 3.85
N TRP B 102 -3.03 -7.30 3.71
CA TRP B 102 -4.13 -8.14 4.16
C TRP B 102 -4.36 -7.92 5.66
N SER B 103 -3.32 -7.49 6.37
CA SER B 103 -3.47 -7.24 7.81
C SER B 103 -4.55 -6.20 8.12
N VAL B 104 -4.80 -5.28 7.18
CA VAL B 104 -5.85 -4.29 7.40
C VAL B 104 -7.21 -4.97 7.29
N LEU B 105 -7.41 -5.75 6.23
CA LEU B 105 -8.68 -6.43 6.03
C LEU B 105 -8.95 -7.45 7.13
N GLU B 106 -7.90 -7.98 7.74
CA GLU B 106 -8.10 -8.95 8.82
C GLU B 106 -8.80 -8.32 10.02
N THR B 107 -8.93 -7.00 10.03
CA THR B 107 -9.62 -6.34 11.14
C THR B 107 -11.13 -6.27 10.84
N LEU B 108 -11.53 -6.86 9.71
CA LEU B 108 -12.94 -6.91 9.34
C LEU B 108 -13.49 -8.20 9.94
N THR B 109 -14.50 -8.10 10.80
CA THR B 109 -15.05 -9.30 11.41
C THR B 109 -16.33 -9.77 10.72
N PRO B 110 -16.77 -11.00 11.01
CA PRO B 110 -17.99 -11.55 10.40
C PRO B 110 -19.20 -10.70 10.79
N SER B 111 -19.18 -10.18 12.02
CA SER B 111 -20.25 -9.34 12.54
C SER B 111 -20.37 -8.07 11.73
N GLU B 112 -19.22 -7.55 11.30
CA GLU B 112 -19.19 -6.32 10.51
C GLU B 112 -19.59 -6.62 9.07
N TYR B 113 -18.95 -7.63 8.49
CA TYR B 113 -19.23 -8.00 7.10
C TYR B 113 -20.69 -8.38 6.85
N MET B 114 -21.33 -9.08 7.78
CA MET B 114 -22.72 -9.48 7.54
C MET B 114 -23.66 -8.28 7.42
N GLY B 115 -23.17 -7.12 7.87
CA GLY B 115 -23.96 -5.90 7.82
C GLY B 115 -24.04 -5.23 6.46
N PHE B 116 -23.15 -5.57 5.52
CA PHE B 116 -23.22 -4.94 4.20
C PHE B 116 -23.00 -5.88 3.03
N ARG B 117 -22.62 -7.13 3.31
CA ARG B 117 -22.36 -8.08 2.23
C ARG B 117 -23.58 -8.32 1.33
N ASP B 118 -24.79 -8.13 1.86
CA ASP B 118 -25.99 -8.35 1.06
C ASP B 118 -26.13 -7.41 -0.13
N VAL B 119 -25.58 -6.20 -0.03
CA VAL B 119 -25.71 -5.24 -1.13
C VAL B 119 -24.68 -5.45 -2.23
N LEU B 120 -23.70 -6.32 -1.98
CA LEU B 120 -22.65 -6.59 -2.96
C LEU B 120 -23.10 -7.55 -4.05
N GLY B 121 -22.40 -7.50 -5.19
CA GLY B 121 -22.69 -8.39 -6.29
C GLY B 121 -22.04 -9.73 -5.96
N PRO B 122 -22.20 -10.75 -6.81
CA PRO B 122 -21.64 -12.09 -6.60
C PRO B 122 -20.22 -12.32 -7.11
N SER B 123 -19.57 -11.26 -7.58
CA SER B 123 -18.21 -11.41 -8.12
C SER B 123 -17.08 -11.13 -7.13
N SER B 124 -15.91 -11.63 -7.48
CA SER B 124 -14.72 -11.46 -6.66
C SER B 124 -13.62 -10.94 -7.57
N GLY B 125 -12.41 -10.88 -7.02
CA GLY B 125 -11.25 -10.41 -7.78
C GLY B 125 -10.95 -11.34 -8.94
N PHE B 126 -11.69 -12.44 -9.02
CA PHE B 126 -11.52 -13.38 -10.12
C PHE B 126 -11.82 -12.59 -11.39
N GLN B 127 -12.62 -11.53 -11.25
CA GLN B 127 -12.99 -10.68 -12.39
C GLN B 127 -12.03 -9.51 -12.58
N SER B 128 -10.91 -9.52 -11.88
CA SER B 128 -9.93 -8.45 -12.01
C SER B 128 -9.07 -8.61 -13.25
N LEU B 129 -9.24 -7.70 -14.21
CA LEU B 129 -8.46 -7.76 -15.44
C LEU B 129 -6.97 -7.58 -15.14
N GLN B 130 -6.65 -6.59 -14.30
CA GLN B 130 -5.25 -6.33 -13.97
C GLN B 130 -4.60 -7.53 -13.30
N TYR B 131 -5.32 -8.22 -12.43
CA TYR B 131 -4.74 -9.39 -11.78
C TYR B 131 -4.48 -10.49 -12.81
N ARG B 132 -5.43 -10.69 -13.71
CA ARG B 132 -5.27 -11.72 -14.73
C ARG B 132 -4.06 -11.43 -15.60
N TYR B 133 -3.79 -10.15 -15.80
CA TYR B 133 -2.65 -9.72 -16.60
C TYR B 133 -1.37 -10.20 -15.93
N ILE B 134 -1.32 -10.10 -14.60
CA ILE B 134 -0.16 -10.52 -13.83
C ILE B 134 0.00 -12.03 -13.96
N GLU B 135 -1.09 -12.77 -13.77
CA GLU B 135 -1.04 -14.22 -13.87
C GLU B 135 -0.50 -14.62 -15.24
N PHE B 136 -1.03 -13.98 -16.29
CA PHE B 136 -0.59 -14.27 -17.66
C PHE B 136 0.90 -13.97 -17.87
N LEU B 137 1.32 -12.79 -17.43
CA LEU B 137 2.72 -12.38 -17.56
C LEU B 137 3.66 -13.37 -16.89
N LEU B 138 3.30 -13.82 -15.69
CA LEU B 138 4.13 -14.78 -14.97
C LEU B 138 4.08 -16.16 -15.63
N GLY B 139 3.12 -16.38 -16.52
CA GLY B 139 3.05 -17.66 -17.22
C GLY B 139 1.83 -18.54 -17.03
N ASN B 140 0.95 -18.20 -16.10
CA ASN B 140 -0.23 -19.01 -15.86
C ASN B 140 -1.32 -18.59 -16.86
N LYS B 141 -1.07 -18.93 -18.12
CA LYS B 141 -1.96 -18.61 -19.24
C LYS B 141 -3.24 -19.44 -19.21
N ASN B 142 -4.36 -18.81 -19.52
CA ASN B 142 -5.64 -19.50 -19.55
C ASN B 142 -6.56 -18.82 -20.57
N PRO B 143 -6.51 -19.27 -21.84
CA PRO B 143 -7.34 -18.70 -22.90
C PRO B 143 -8.83 -18.57 -22.52
N GLN B 144 -9.33 -19.52 -21.73
CA GLN B 144 -10.73 -19.51 -21.31
C GLN B 144 -11.10 -18.25 -20.52
N MET B 145 -10.12 -17.68 -19.82
CA MET B 145 -10.35 -16.49 -19.01
C MET B 145 -10.73 -15.26 -19.83
N LEU B 146 -10.42 -15.28 -21.12
CA LEU B 146 -10.74 -14.16 -22.00
C LEU B 146 -12.24 -13.93 -22.13
N GLN B 147 -13.03 -15.00 -21.99
CA GLN B 147 -14.49 -14.89 -22.12
C GLN B 147 -15.14 -14.09 -21.00
N VAL B 148 -14.59 -14.18 -19.80
CA VAL B 148 -15.15 -13.45 -18.66
C VAL B 148 -14.99 -11.95 -18.86
N PHE B 149 -14.19 -11.58 -19.85
CA PHE B 149 -13.96 -10.18 -20.17
C PHE B 149 -14.62 -9.80 -21.49
N ALA B 150 -15.55 -10.64 -21.94
CA ALA B 150 -16.26 -10.41 -23.19
C ALA B 150 -16.99 -9.07 -23.14
N TYR B 151 -17.47 -8.69 -21.96
CA TYR B 151 -18.18 -7.43 -21.79
C TYR B 151 -17.29 -6.27 -22.19
N ASP B 152 -15.99 -6.45 -22.05
CA ASP B 152 -15.02 -5.40 -22.39
C ASP B 152 -14.11 -5.86 -23.51
N PRO B 153 -14.44 -5.48 -24.76
CA PRO B 153 -13.63 -5.85 -25.93
C PRO B 153 -12.20 -5.31 -25.85
N ALA B 154 -12.08 -4.05 -25.47
CA ALA B 154 -10.77 -3.40 -25.35
C ALA B 154 -9.86 -4.15 -24.38
N GLY B 155 -10.28 -4.23 -23.12
CA GLY B 155 -9.48 -4.91 -22.13
C GLY B 155 -9.20 -6.36 -22.51
N GLN B 156 -10.17 -7.00 -23.15
CA GLN B 156 -10.02 -8.39 -23.57
C GLN B 156 -8.90 -8.52 -24.59
N ALA B 157 -8.75 -7.49 -25.41
CA ALA B 157 -7.71 -7.47 -26.44
C ALA B 157 -6.31 -7.32 -25.85
N ARG B 158 -6.16 -6.37 -24.92
CA ARG B 158 -4.86 -6.14 -24.31
C ARG B 158 -4.43 -7.39 -23.54
N LEU B 159 -5.40 -8.11 -22.99
CA LEU B 159 -5.11 -9.33 -22.26
C LEU B 159 -4.68 -10.41 -23.23
N ARG B 160 -5.24 -10.38 -24.44
CA ARG B 160 -4.89 -11.36 -25.46
C ARG B 160 -3.45 -11.17 -25.91
N GLU B 161 -2.99 -9.92 -25.90
CA GLU B 161 -1.60 -9.63 -26.30
C GLU B 161 -0.62 -10.37 -25.40
N VAL B 162 -0.78 -10.23 -24.08
CA VAL B 162 0.10 -10.90 -23.14
C VAL B 162 -0.06 -12.41 -23.25
N LEU B 163 -1.30 -12.85 -23.48
CA LEU B 163 -1.58 -14.27 -23.62
C LEU B 163 -0.79 -14.90 -24.77
N GLU B 164 -0.72 -14.19 -25.90
CA GLU B 164 -0.04 -14.69 -27.09
C GLU B 164 1.47 -14.45 -27.10
N ALA B 165 1.98 -13.74 -26.09
CA ALA B 165 3.41 -13.46 -26.00
C ALA B 165 4.07 -14.34 -24.94
N PRO B 166 5.36 -14.64 -25.13
CA PRO B 166 6.08 -15.47 -24.16
C PRO B 166 5.98 -14.83 -22.78
N SER B 167 5.89 -15.65 -21.74
CA SER B 167 5.77 -15.14 -20.37
C SER B 167 7.15 -14.67 -19.90
N LEU B 168 7.19 -14.10 -18.71
CA LEU B 168 8.46 -13.64 -18.13
C LEU B 168 9.42 -14.82 -18.03
N TYR B 169 8.89 -15.98 -17.63
CA TYR B 169 9.71 -17.17 -17.47
C TYR B 169 10.26 -17.65 -18.82
N GLU B 170 9.39 -17.70 -19.82
CA GLU B 170 9.83 -18.15 -21.14
C GLU B 170 10.87 -17.19 -21.73
N GLU B 171 10.75 -15.89 -21.44
CA GLU B 171 11.74 -14.94 -21.95
C GLU B 171 13.07 -15.19 -21.22
N PHE B 172 12.98 -15.63 -19.98
CA PHE B 172 14.20 -15.93 -19.23
C PHE B 172 14.85 -17.16 -19.89
N LEU B 173 14.03 -18.15 -20.23
CA LEU B 173 14.55 -19.34 -20.88
C LEU B 173 15.15 -18.99 -22.24
N ARG B 174 14.51 -18.06 -22.97
CA ARG B 174 15.02 -17.66 -24.27
C ARG B 174 16.34 -16.92 -24.11
N TYR B 175 16.46 -16.19 -23.01
CA TYR B 175 17.70 -15.48 -22.71
C TYR B 175 18.80 -16.52 -22.47
N LEU B 176 18.48 -17.56 -21.71
CA LEU B 176 19.47 -18.59 -21.43
C LEU B 176 19.92 -19.27 -22.73
N ALA B 177 18.96 -19.53 -23.62
CA ALA B 177 19.27 -20.18 -24.89
C ALA B 177 20.25 -19.35 -25.74
N ARG B 178 20.12 -18.02 -25.66
CA ARG B 178 21.02 -17.15 -26.42
C ARG B 178 22.45 -17.18 -25.91
N PHE B 179 22.66 -17.73 -24.72
CA PHE B 179 24.01 -17.79 -24.17
C PHE B 179 24.60 -19.17 -23.89
N GLY B 180 24.30 -20.12 -24.77
CA GLY B 180 24.87 -21.46 -24.64
C GLY B 180 24.17 -22.50 -23.79
N HIS B 181 23.22 -22.12 -22.96
CA HIS B 181 22.53 -23.09 -22.13
C HIS B 181 21.72 -24.06 -22.98
N ALA B 182 21.67 -25.32 -22.52
CA ALA B 182 20.97 -26.39 -23.24
C ALA B 182 19.45 -26.28 -23.19
N ILE B 183 18.93 -25.15 -23.63
CA ILE B 183 17.49 -24.93 -23.66
C ILE B 183 16.89 -25.63 -24.87
N PRO B 184 15.81 -26.41 -24.67
CA PRO B 184 15.17 -27.13 -25.78
C PRO B 184 14.77 -26.17 -26.91
N GLN B 185 14.81 -26.67 -28.15
CA GLN B 185 14.47 -25.86 -29.32
C GLN B 185 13.02 -25.40 -29.36
N GLN B 186 12.13 -26.09 -28.65
CA GLN B 186 10.72 -25.72 -28.67
C GLN B 186 10.45 -24.33 -28.08
N TYR B 187 11.39 -23.83 -27.28
CA TYR B 187 11.24 -22.52 -26.67
C TYR B 187 11.56 -21.37 -27.62
N GLN B 188 11.91 -21.70 -28.87
CA GLN B 188 12.23 -20.66 -29.83
C GLN B 188 10.96 -20.20 -30.53
N ALA B 189 9.99 -21.10 -30.63
CA ALA B 189 8.71 -20.81 -31.27
C ALA B 189 7.68 -21.87 -30.90
N ARG B 190 6.54 -21.42 -30.39
CA ARG B 190 5.46 -22.33 -30.00
C ARG B 190 4.21 -21.54 -29.67
N ASP B 191 3.12 -22.25 -29.39
CA ASP B 191 1.86 -21.61 -29.06
C ASP B 191 1.97 -21.12 -27.62
N TRP B 192 2.35 -19.85 -27.46
CA TRP B 192 2.52 -19.27 -26.13
C TRP B 192 1.23 -19.13 -25.33
N THR B 193 0.08 -19.27 -26.00
CA THR B 193 -1.20 -19.15 -25.32
C THR B 193 -1.42 -20.30 -24.35
N ALA B 194 -0.70 -21.39 -24.56
CA ALA B 194 -0.78 -22.57 -23.71
C ALA B 194 0.17 -22.41 -22.53
N ALA B 195 -0.35 -22.63 -21.33
CA ALA B 195 0.45 -22.52 -20.10
C ALA B 195 1.64 -23.46 -20.13
N HIS B 196 2.79 -22.96 -19.67
CA HIS B 196 4.02 -23.74 -19.63
C HIS B 196 3.82 -25.04 -18.85
N VAL B 197 4.35 -26.13 -19.39
CA VAL B 197 4.25 -27.43 -18.73
C VAL B 197 5.64 -27.83 -18.22
N ALA B 198 5.70 -28.32 -16.98
CA ALA B 198 6.97 -28.75 -16.40
C ALA B 198 7.81 -29.52 -17.42
N ASP B 199 9.05 -29.09 -17.61
CA ASP B 199 9.96 -29.70 -18.59
C ASP B 199 11.18 -30.25 -17.85
N ASP B 200 11.24 -31.56 -17.67
CA ASP B 200 12.35 -32.17 -16.95
C ASP B 200 13.69 -32.02 -17.66
N THR B 201 13.66 -31.71 -18.96
CA THR B 201 14.90 -31.54 -19.70
C THR B 201 15.60 -30.26 -19.28
N LEU B 202 14.90 -29.40 -18.53
CA LEU B 202 15.49 -28.16 -18.06
C LEU B 202 16.30 -28.39 -16.77
N ARG B 203 16.11 -29.54 -16.14
CA ARG B 203 16.83 -29.84 -14.90
C ARG B 203 18.36 -29.71 -15.02
N PRO B 204 18.97 -30.35 -16.04
CA PRO B 204 20.43 -30.24 -16.15
C PRO B 204 20.91 -28.80 -16.36
N VAL B 205 20.08 -27.99 -17.02
CA VAL B 205 20.40 -26.59 -17.28
C VAL B 205 20.51 -25.82 -15.95
N PHE B 206 19.51 -25.98 -15.09
CA PHE B 206 19.56 -25.26 -13.81
C PHE B 206 20.55 -25.87 -12.85
N GLU B 207 20.83 -27.16 -13.00
CA GLU B 207 21.82 -27.78 -12.12
C GLU B 207 23.17 -27.15 -12.44
N ARG B 208 23.50 -27.03 -13.72
CA ARG B 208 24.79 -26.44 -14.10
C ARG B 208 24.95 -25.01 -13.57
N ILE B 209 23.87 -24.24 -13.62
CA ILE B 209 23.90 -22.86 -13.14
C ILE B 209 24.20 -22.82 -11.64
N TYR B 210 23.42 -23.58 -10.86
CA TYR B 210 23.59 -23.60 -9.42
C TYR B 210 24.89 -24.28 -8.95
N GLU B 211 25.48 -25.11 -9.82
CA GLU B 211 26.72 -25.80 -9.46
C GLU B 211 27.98 -25.06 -9.90
N ASN B 212 27.79 -23.88 -10.50
CA ASN B 212 28.93 -23.08 -10.90
C ASN B 212 28.52 -21.62 -10.87
N THR B 213 28.23 -21.13 -9.66
CA THR B 213 27.79 -19.76 -9.48
C THR B 213 28.84 -18.72 -9.86
N ASP B 214 30.12 -19.09 -9.78
CA ASP B 214 31.19 -18.16 -10.13
C ASP B 214 31.11 -17.79 -11.60
N ARG B 215 30.79 -18.75 -12.45
CA ARG B 215 30.68 -18.48 -13.88
C ARG B 215 29.28 -18.02 -14.27
N TYR B 216 28.26 -18.63 -13.66
CA TYR B 216 26.88 -18.28 -13.99
C TYR B 216 26.20 -17.39 -12.95
N TRP B 217 26.95 -16.42 -12.41
CA TRP B 217 26.38 -15.55 -11.39
C TRP B 217 25.16 -14.76 -11.88
N ARG B 218 25.14 -14.38 -13.16
CA ARG B 218 24.00 -13.65 -13.72
C ARG B 218 22.76 -14.52 -13.72
N GLU B 219 22.89 -15.73 -14.25
CA GLU B 219 21.79 -16.67 -14.32
C GLU B 219 21.34 -17.07 -12.91
N TYR B 220 22.31 -17.31 -12.05
CA TYR B 220 22.06 -17.68 -10.66
C TYR B 220 21.24 -16.61 -9.96
N SER B 221 21.64 -15.35 -10.12
CA SER B 221 20.92 -14.25 -9.49
C SER B 221 19.49 -14.14 -10.03
N LEU B 222 19.32 -14.31 -11.34
CA LEU B 222 17.98 -14.23 -11.92
C LEU B 222 17.11 -15.38 -11.46
N CYS B 223 17.71 -16.57 -11.30
CA CYS B 223 16.96 -17.72 -10.83
C CYS B 223 16.42 -17.44 -9.44
N GLU B 224 17.27 -16.94 -8.55
CA GLU B 224 16.82 -16.62 -7.21
C GLU B 224 15.78 -15.50 -7.20
N ASP B 225 15.93 -14.54 -8.10
CA ASP B 225 14.95 -13.44 -8.17
C ASP B 225 13.57 -13.99 -8.55
N LEU B 226 13.55 -14.95 -9.47
CA LEU B 226 12.28 -15.54 -9.91
C LEU B 226 11.68 -16.37 -8.77
N VAL B 227 12.52 -17.07 -8.03
CA VAL B 227 12.03 -17.84 -6.90
C VAL B 227 11.46 -16.87 -5.85
N ASP B 228 12.11 -15.72 -5.67
CA ASP B 228 11.62 -14.72 -4.71
C ASP B 228 10.24 -14.24 -5.17
N VAL B 229 10.12 -13.92 -6.46
CA VAL B 229 8.85 -13.42 -6.99
C VAL B 229 7.74 -14.44 -6.80
N GLU B 230 8.00 -15.70 -7.16
CA GLU B 230 6.97 -16.70 -7.00
C GLU B 230 6.63 -16.93 -5.53
N THR B 231 7.64 -16.97 -4.68
CA THR B 231 7.41 -17.20 -3.27
C THR B 231 6.54 -16.09 -2.67
N GLN B 232 6.86 -14.83 -3.00
CA GLN B 232 6.07 -13.72 -2.49
C GLN B 232 4.65 -13.78 -3.04
N PHE B 233 4.51 -14.20 -4.29
CA PHE B 233 3.19 -14.31 -4.90
C PHE B 233 2.38 -15.38 -4.15
N GLN B 234 3.02 -16.50 -3.82
CA GLN B 234 2.34 -17.58 -3.10
C GLN B 234 1.94 -17.10 -1.71
N LEU B 235 2.75 -16.22 -1.13
CA LEU B 235 2.46 -15.67 0.18
C LEU B 235 1.22 -14.77 0.07
N TRP B 236 1.13 -14.02 -1.02
CA TRP B 236 -0.04 -13.17 -1.24
C TRP B 236 -1.27 -14.10 -1.34
N ARG B 237 -1.13 -15.20 -2.08
CA ARG B 237 -2.23 -16.15 -2.24
C ARG B 237 -2.65 -16.73 -0.90
N PHE B 238 -1.68 -17.07 -0.06
CA PHE B 238 -2.00 -17.66 1.24
C PHE B 238 -2.69 -16.66 2.16
N ARG B 239 -2.16 -15.44 2.22
CA ARG B 239 -2.78 -14.43 3.08
C ARG B 239 -4.19 -14.12 2.59
N HIS B 240 -4.34 -14.10 1.27
CA HIS B 240 -5.64 -13.86 0.65
C HIS B 240 -6.60 -14.92 1.19
N MET B 241 -6.23 -16.18 1.00
CA MET B 241 -7.07 -17.28 1.47
C MET B 241 -7.37 -17.25 2.97
N ARG B 242 -6.34 -17.01 3.80
CA ARG B 242 -6.57 -16.99 5.24
C ARG B 242 -7.49 -15.83 5.65
N THR B 243 -7.39 -14.71 4.94
CA THR B 243 -8.24 -13.57 5.26
C THR B 243 -9.68 -13.90 4.86
N VAL B 244 -9.86 -14.47 3.67
CA VAL B 244 -11.20 -14.82 3.22
C VAL B 244 -11.80 -15.83 4.21
N MET B 245 -10.97 -16.77 4.66
CA MET B 245 -11.43 -17.77 5.63
C MET B 245 -11.96 -17.18 6.93
N ARG B 246 -11.26 -16.19 7.48
CA ARG B 246 -11.73 -15.60 8.74
C ARG B 246 -12.90 -14.64 8.55
N VAL B 247 -13.18 -14.27 7.30
CA VAL B 247 -14.30 -13.36 7.05
C VAL B 247 -15.57 -14.13 6.70
N ILE B 248 -15.50 -15.04 5.72
CA ILE B 248 -16.69 -15.79 5.30
C ILE B 248 -16.62 -17.28 5.63
N GLY B 249 -15.44 -17.75 6.03
CA GLY B 249 -15.30 -19.15 6.37
C GLY B 249 -15.15 -20.06 5.19
N PHE B 250 -15.00 -21.36 5.47
CA PHE B 250 -14.85 -22.36 4.42
C PHE B 250 -15.96 -23.40 4.52
N SER B 257 -12.47 -25.50 -8.45
CA SER B 257 -13.66 -25.47 -7.60
C SER B 257 -14.21 -24.05 -7.48
N SER B 258 -14.54 -23.65 -6.26
CA SER B 258 -15.07 -22.32 -6.01
C SER B 258 -14.94 -21.98 -4.53
N GLY B 259 -15.13 -20.71 -4.19
CA GLY B 259 -15.01 -20.30 -2.80
C GLY B 259 -13.60 -20.50 -2.26
N VAL B 260 -13.50 -20.70 -0.96
CA VAL B 260 -12.20 -20.91 -0.32
C VAL B 260 -11.47 -22.12 -0.90
N GLY B 261 -12.24 -23.12 -1.34
CA GLY B 261 -11.65 -24.31 -1.91
C GLY B 261 -10.85 -23.96 -3.16
N PHE B 262 -11.35 -23.00 -3.91
CA PHE B 262 -10.69 -22.54 -5.14
C PHE B 262 -9.37 -21.87 -4.77
N LEU B 263 -9.41 -21.05 -3.71
CA LEU B 263 -8.21 -20.34 -3.26
C LEU B 263 -7.19 -21.34 -2.72
N GLN B 264 -7.68 -22.43 -2.14
CA GLN B 264 -6.80 -23.46 -1.60
C GLN B 264 -6.08 -24.13 -2.77
N GLN B 265 -6.81 -24.37 -3.85
CA GLN B 265 -6.22 -25.00 -5.04
C GLN B 265 -5.18 -24.10 -5.71
N ALA B 266 -5.39 -22.79 -5.61
CA ALA B 266 -4.47 -21.83 -6.23
C ALA B 266 -3.06 -21.93 -5.64
N LEU B 267 -2.98 -22.38 -4.39
CA LEU B 267 -1.70 -22.52 -3.70
C LEU B 267 -0.87 -23.66 -4.28
N ALA B 268 -1.52 -24.52 -5.06
CA ALA B 268 -0.83 -25.66 -5.66
C ALA B 268 -0.28 -25.32 -7.05
N LEU B 269 -0.58 -24.12 -7.54
CA LEU B 269 -0.08 -23.71 -8.85
C LEU B 269 1.34 -23.18 -8.73
N THR B 270 2.15 -23.44 -9.76
CA THR B 270 3.53 -22.96 -9.75
C THR B 270 3.86 -22.31 -11.09
N PHE B 271 4.53 -21.17 -11.04
CA PHE B 271 4.91 -20.45 -12.26
C PHE B 271 6.20 -20.96 -12.87
N PHE B 272 7.20 -21.22 -12.03
CA PHE B 272 8.51 -21.67 -12.48
C PHE B 272 8.87 -23.01 -11.85
N PRO B 273 8.10 -24.06 -12.15
CA PRO B 273 8.35 -25.39 -11.58
C PRO B 273 9.78 -25.93 -11.61
N GLU B 274 10.49 -25.76 -12.72
CA GLU B 274 11.86 -26.27 -12.82
C GLU B 274 12.85 -25.63 -11.84
N LEU B 275 12.59 -24.37 -11.47
CA LEU B 275 13.48 -23.70 -10.52
C LEU B 275 13.34 -24.34 -9.15
N PHE B 276 12.12 -24.77 -8.82
CA PHE B 276 11.92 -25.43 -7.53
C PHE B 276 12.34 -26.89 -7.59
N ASP B 277 12.08 -27.55 -8.71
CA ASP B 277 12.45 -28.96 -8.83
C ASP B 277 13.95 -29.21 -8.73
N VAL B 278 14.75 -28.30 -9.29
CA VAL B 278 16.21 -28.48 -9.28
C VAL B 278 16.77 -28.60 -7.86
N ARG B 279 16.07 -28.06 -6.87
CA ARG B 279 16.52 -28.14 -5.49
C ARG B 279 16.83 -29.59 -5.08
N THR B 280 16.06 -30.53 -5.60
CA THR B 280 16.23 -31.94 -5.24
C THR B 280 17.38 -32.69 -5.91
N SER B 281 18.04 -32.08 -6.87
CA SER B 281 19.14 -32.77 -7.57
C SER B 281 20.49 -32.05 -7.64
N VAL B 282 20.56 -30.80 -7.18
CA VAL B 282 21.85 -30.10 -7.24
C VAL B 282 22.83 -30.79 -6.30
N GLY B 283 24.11 -30.78 -6.65
CA GLY B 283 25.08 -31.42 -5.79
C GLY B 283 26.50 -31.52 -6.30
N VAL B 284 26.71 -31.31 -7.60
CA VAL B 284 28.08 -31.39 -8.12
C VAL B 284 28.89 -30.26 -7.49
N ASP B 285 30.06 -30.61 -6.97
CA ASP B 285 30.95 -29.64 -6.33
C ASP B 285 32.09 -29.27 -7.27
N ASN B 286 31.97 -28.11 -7.90
CA ASN B 286 32.99 -27.64 -8.84
C ASN B 286 33.95 -26.62 -8.25
N ARG B 287 33.97 -26.52 -6.93
CA ARG B 287 34.85 -25.55 -6.26
C ARG B 287 36.32 -25.93 -6.39
N PRO B 288 37.21 -24.92 -6.32
CA PRO B 288 38.66 -25.14 -6.42
C PRO B 288 39.16 -25.63 -5.05
N PRO B 289 40.49 -25.86 -4.91
CA PRO B 289 41.05 -26.33 -3.65
C PRO B 289 40.66 -25.49 -2.45
N GLN B 290 40.73 -26.10 -1.27
CA GLN B 290 40.40 -25.45 0.00
C GLN B 290 38.90 -25.23 0.11
N GLY B 291 38.19 -25.51 -0.98
CA GLY B 291 36.75 -25.32 -0.98
C GLY B 291 36.41 -23.86 -1.26
#